data_8T2J
#
_entry.id   8T2J
#
_cell.length_a   49.664
_cell.length_b   59.930
_cell.length_c   49.566
_cell.angle_alpha   90.000
_cell.angle_beta   92.130
_cell.angle_gamma   90.000
#
_symmetry.space_group_name_H-M   'P 1 21 1'
#
loop_
_entity.id
_entity.type
_entity.pdbx_description
1 polymer 'Protein phosphatase 1D'
2 non-polymer 'MAGNESIUM ION'
3 non-polymer DI(HYDROXYETHYL)ETHER
4 non-polymer GLYCEROL
5 water water
#
_entity_poly.entity_id   1
_entity_poly.type   'polypeptide(L)'
_entity_poly.pdbx_seq_one_letter_code
;MAGLYSLRVSVFSDQGGRKYMEDVTQIVVEPEETAERSSVAFFAVCDGHGGREAAQFAREHLWGFIKKQKGFTSSEPAKV
CAAIRKGFLACHLAMWKKLAEWPKTMTGLPSTSGTTASVVIIRGMKMYVAHVGDSGVVLGIQDDPKDDFVRAVEVTQDHK
PELPKERERIEGLGGSVMNKSGVNRVVWKRPALTHNGPVAASTVIDQIPFLAVARALGDLWSYDFFSGEFVVSPEPDTSV
HTLDPQKHKYIILGSDGLWNMIPPQDAISMCQDQEEKKYLMGEHGQS(CSO)AKMLVNRALGRWRQRMLRADNTSAIVIC
ISPEVDNQGNFTNEDELYLNLTDSPSYNS
;
_entity_poly.pdbx_strand_id   A
#
# COMPACT_ATOMS: atom_id res chain seq x y z
N MET A 1 13.67 -4.30 -27.21
CA MET A 1 12.61 -3.61 -26.47
C MET A 1 13.11 -3.21 -25.11
N ALA A 2 14.40 -3.39 -24.85
CA ALA A 2 14.89 -2.99 -23.54
C ALA A 2 15.02 -1.47 -23.56
N GLY A 3 14.03 -0.77 -23.02
CA GLY A 3 13.95 0.67 -23.18
C GLY A 3 14.74 1.42 -22.12
N LEU A 4 15.10 2.65 -22.45
CA LEU A 4 15.85 3.50 -21.56
C LEU A 4 14.91 4.61 -21.07
N TYR A 5 14.94 4.85 -19.76
CA TYR A 5 14.19 5.92 -19.14
C TYR A 5 14.71 6.07 -17.71
N SER A 6 14.31 7.17 -17.04
CA SER A 6 14.72 7.37 -15.65
C SER A 6 13.53 7.61 -14.74
N LEU A 7 13.76 7.39 -13.47
CA LEU A 7 12.78 7.64 -12.41
C LEU A 7 13.40 8.59 -11.42
N ARG A 8 12.55 9.40 -10.77
CA ARG A 8 12.99 10.17 -9.64
C ARG A 8 11.94 9.98 -8.56
N VAL A 9 12.35 9.48 -7.41
CA VAL A 9 11.41 9.00 -6.40
C VAL A 9 11.51 9.81 -5.12
N SER A 10 10.36 10.17 -4.56
CA SER A 10 10.39 10.78 -3.25
C SER A 10 9.35 10.13 -2.36
N VAL A 11 9.60 10.16 -1.04
CA VAL A 11 8.69 9.53 -0.11
C VAL A 11 8.60 10.41 1.13
N PHE A 12 7.40 10.47 1.70
CA PHE A 12 7.22 11.22 2.94
C PHE A 12 6.05 10.65 3.71
N SER A 13 6.13 10.65 5.03
CA SER A 13 5.01 10.22 5.84
C SER A 13 4.94 11.08 7.09
N ASP A 14 3.73 11.30 7.59
CA ASP A 14 3.60 12.11 8.79
C ASP A 14 2.50 11.47 9.66
N GLN A 15 2.70 11.48 10.98
CA GLN A 15 1.75 10.89 11.92
C GLN A 15 0.43 11.63 11.99
N GLY A 16 0.37 12.87 11.51
CA GLY A 16 -0.84 13.62 11.56
C GLY A 16 -1.16 13.95 13.01
N GLY A 17 -2.44 13.86 13.33
CA GLY A 17 -2.92 14.07 14.68
C GLY A 17 -3.06 12.80 15.50
N ARG A 18 -2.52 11.67 15.06
CA ARG A 18 -2.73 10.41 15.75
C ARG A 18 -1.66 10.18 16.81
N LYS A 19 -2.03 9.38 17.80
CA LYS A 19 -1.06 9.14 18.87
C LYS A 19 0.08 8.24 18.40
N TYR A 20 -0.18 7.32 17.48
CA TYR A 20 0.88 6.46 16.95
C TYR A 20 0.98 6.55 15.44
N MET A 21 2.18 6.33 14.92
CA MET A 21 2.42 6.19 13.48
C MET A 21 2.26 4.72 13.10
N GLU A 22 1.17 4.40 12.42
CA GLU A 22 1.00 3.05 11.91
C GLU A 22 1.08 2.97 10.39
N ASP A 23 1.26 4.11 9.69
CA ASP A 23 1.60 4.04 8.26
C ASP A 23 3.08 3.70 8.14
N VAL A 24 3.45 2.87 7.15
CA VAL A 24 4.85 2.64 6.83
C VAL A 24 5.01 2.72 5.32
N THR A 25 6.23 3.01 4.89
CA THR A 25 6.55 3.00 3.46
C THR A 25 7.80 2.14 3.23
N GLN A 26 8.00 1.73 2.00
CA GLN A 26 9.19 0.92 1.74
C GLN A 26 9.61 1.11 0.30
N ILE A 27 10.92 1.16 0.07
CA ILE A 27 11.47 1.25 -1.29
C ILE A 27 12.71 0.39 -1.33
N VAL A 28 12.73 -0.56 -2.28
CA VAL A 28 13.85 -1.46 -2.47
C VAL A 28 14.16 -1.52 -3.96
N VAL A 29 15.40 -1.21 -4.33
CA VAL A 29 15.85 -1.31 -5.72
C VAL A 29 17.04 -2.25 -5.73
N GLU A 30 17.01 -3.25 -6.61
CA GLU A 30 18.08 -4.24 -6.59
C GLU A 30 18.25 -4.88 -7.97
N PRO A 31 19.48 -5.19 -8.36
CA PRO A 31 19.70 -5.87 -9.65
C PRO A 31 19.04 -7.24 -9.69
N GLU A 32 18.45 -7.56 -10.83
CA GLU A 32 17.87 -8.87 -11.10
C GLU A 32 18.78 -9.57 -12.08
N GLU A 33 19.26 -10.75 -11.70
CA GLU A 33 20.01 -11.57 -12.64
C GLU A 33 19.15 -11.96 -13.82
N THR A 34 17.83 -11.93 -13.64
CA THR A 34 16.89 -12.19 -14.72
C THR A 34 17.10 -11.22 -15.87
N ALA A 35 17.03 -9.92 -15.56
CA ALA A 35 17.09 -8.87 -16.57
C ALA A 35 18.54 -8.43 -16.81
N GLU A 36 19.48 -9.37 -16.62
CA GLU A 36 20.89 -9.17 -16.97
C GLU A 36 21.48 -8.04 -16.14
N ARG A 37 21.19 -8.10 -14.83
CA ARG A 37 21.51 -7.11 -13.77
C ARG A 37 20.80 -5.78 -13.97
N SER A 38 19.75 -5.72 -14.78
CA SER A 38 18.85 -4.57 -14.74
C SER A 38 18.07 -4.67 -13.44
N SER A 39 17.76 -3.53 -12.85
CA SER A 39 17.25 -3.53 -11.48
C SER A 39 15.72 -3.53 -11.46
N VAL A 40 15.15 -4.16 -10.41
CA VAL A 40 13.71 -4.14 -10.17
C VAL A 40 13.48 -3.16 -9.04
N ALA A 41 12.36 -2.42 -9.10
CA ALA A 41 12.07 -1.41 -8.08
C ALA A 41 10.75 -1.78 -7.44
N PHE A 42 10.77 -1.87 -6.13
CA PHE A 42 9.64 -2.25 -5.29
C PHE A 42 9.30 -1.02 -4.47
N PHE A 43 8.04 -0.60 -4.49
CA PHE A 43 7.57 0.51 -3.68
C PHE A 43 6.35 0.02 -2.92
N ALA A 44 6.21 0.41 -1.64
CA ALA A 44 5.00 -0.02 -0.93
C ALA A 44 4.59 1.05 0.07
N VAL A 45 3.28 1.16 0.25
CA VAL A 45 2.66 1.91 1.33
C VAL A 45 1.78 0.93 2.10
N CYS A 46 1.94 0.87 3.42
CA CYS A 46 1.12 0.03 4.28
C CYS A 46 0.50 0.89 5.35
N ASP A 47 -0.85 0.95 5.35
CA ASP A 47 -1.60 1.69 6.40
C ASP A 47 -2.03 0.69 7.47
N GLY A 48 -1.32 0.68 8.60
CA GLY A 48 -1.62 -0.30 9.64
C GLY A 48 -2.76 0.17 10.52
N HIS A 49 -3.32 -0.77 11.28
CA HIS A 49 -4.38 -0.44 12.21
C HIS A 49 -4.29 -1.49 13.33
N GLY A 50 -4.83 -1.18 14.51
CA GLY A 50 -4.76 -2.21 15.56
C GLY A 50 -3.36 -2.41 16.12
N GLY A 51 -2.52 -1.40 16.01
CA GLY A 51 -1.13 -1.60 16.38
C GLY A 51 -0.21 -1.54 15.16
N ARG A 52 1.03 -1.04 15.38
CA ARG A 52 2.02 -0.94 14.28
C ARG A 52 2.60 -2.25 13.82
N GLU A 53 2.37 -3.36 14.57
CA GLU A 53 3.16 -4.57 14.35
C GLU A 53 2.99 -5.15 12.94
N ALA A 54 1.75 -5.27 12.44
CA ALA A 54 1.54 -5.85 11.10
C ALA A 54 2.20 -5.03 10.01
N ALA A 55 1.95 -3.72 10.02
CA ALA A 55 2.59 -2.84 9.02
C ALA A 55 4.12 -2.96 9.09
N GLN A 56 4.67 -2.93 10.29
CA GLN A 56 6.12 -3.08 10.41
C GLN A 56 6.59 -4.44 9.89
N PHE A 57 5.80 -5.49 10.11
CA PHE A 57 6.16 -6.81 9.58
C PHE A 57 6.15 -6.80 8.07
N ALA A 58 5.14 -6.17 7.44
CA ALA A 58 5.15 -6.06 5.98
C ALA A 58 6.33 -5.22 5.50
N ARG A 59 6.61 -4.13 6.19
CA ARG A 59 7.77 -3.32 5.82
C ARG A 59 9.01 -4.19 5.74
N GLU A 60 9.17 -5.09 6.70
CA GLU A 60 10.42 -5.82 6.73
C GLU A 60 10.40 -7.04 5.84
N HIS A 61 9.24 -7.62 5.55
CA HIS A 61 9.19 -8.95 4.97
C HIS A 61 8.39 -9.10 3.67
N LEU A 62 7.51 -8.17 3.32
CA LEU A 62 6.66 -8.40 2.14
C LEU A 62 7.49 -8.58 0.86
N TRP A 63 8.50 -7.73 0.62
CA TRP A 63 9.26 -7.85 -0.62
C TRP A 63 9.97 -9.21 -0.71
N GLY A 64 10.57 -9.65 0.38
CA GLY A 64 11.26 -10.95 0.37
C GLY A 64 10.32 -12.11 0.07
N PHE A 65 9.11 -12.06 0.66
CA PHE A 65 8.14 -13.11 0.36
C PHE A 65 7.70 -13.07 -1.09
N ILE A 66 7.55 -11.87 -1.67
CA ILE A 66 7.14 -11.78 -3.05
C ILE A 66 8.23 -12.33 -3.95
N LYS A 67 9.47 -11.91 -3.73
CA LYS A 67 10.43 -12.22 -4.80
C LYS A 67 10.89 -13.68 -4.76
N LYS A 68 10.61 -14.40 -3.67
CA LYS A 68 10.83 -15.85 -3.50
C LYS A 68 9.87 -16.73 -4.27
N GLN A 69 8.75 -16.21 -4.76
CA GLN A 69 7.70 -17.09 -5.26
C GLN A 69 7.95 -17.52 -6.70
N LYS A 70 7.58 -18.76 -6.99
CA LYS A 70 7.84 -19.31 -8.31
C LYS A 70 7.10 -18.50 -9.36
N GLY A 71 7.83 -18.14 -10.41
CA GLY A 71 7.28 -17.38 -11.50
C GLY A 71 7.48 -15.89 -11.35
N PHE A 72 8.01 -15.43 -10.22
CA PHE A 72 8.15 -13.98 -10.03
C PHE A 72 9.04 -13.37 -11.11
N THR A 73 10.17 -14.03 -11.44
CA THR A 73 11.05 -13.54 -12.48
C THR A 73 10.69 -14.05 -13.87
N SER A 74 9.53 -14.68 -14.01
CA SER A 74 9.07 -15.09 -15.34
C SER A 74 8.80 -13.87 -16.22
N SER A 75 9.00 -14.07 -17.51
CA SER A 75 8.75 -13.04 -18.49
C SER A 75 7.29 -12.96 -18.86
N GLU A 76 6.46 -13.87 -18.35
CA GLU A 76 5.04 -13.86 -18.64
C GLU A 76 4.32 -13.18 -17.49
N PRO A 77 3.63 -12.07 -17.75
CA PRO A 77 3.03 -11.27 -16.65
C PRO A 77 2.00 -12.02 -15.81
N ALA A 78 1.19 -12.89 -16.43
CA ALA A 78 0.21 -13.65 -15.65
C ALA A 78 0.88 -14.43 -14.53
N LYS A 79 2.09 -14.96 -14.80
CA LYS A 79 2.87 -15.67 -13.79
C LYS A 79 3.51 -14.72 -12.79
N VAL A 80 3.85 -13.50 -13.18
CA VAL A 80 4.39 -12.56 -12.20
C VAL A 80 3.31 -12.15 -11.21
N CYS A 81 2.13 -11.78 -11.73
CA CYS A 81 0.99 -11.42 -10.86
C CYS A 81 0.62 -12.57 -9.93
N ALA A 82 0.60 -13.80 -10.45
CA ALA A 82 0.36 -14.96 -9.59
C ALA A 82 1.41 -15.06 -8.49
N ALA A 83 2.69 -14.82 -8.80
CA ALA A 83 3.72 -14.86 -7.75
C ALA A 83 3.52 -13.73 -6.73
N ILE A 84 3.18 -12.53 -7.20
CA ILE A 84 2.94 -11.43 -6.26
C ILE A 84 1.78 -11.77 -5.32
N ARG A 85 0.68 -12.29 -5.86
CA ARG A 85 -0.42 -12.72 -4.99
C ARG A 85 0.05 -13.74 -3.96
N LYS A 86 0.87 -14.71 -4.37
CA LYS A 86 1.34 -15.72 -3.43
C LYS A 86 2.23 -15.10 -2.37
N GLY A 87 2.99 -14.07 -2.73
CA GLY A 87 3.82 -13.43 -1.71
C GLY A 87 3.01 -12.68 -0.66
N PHE A 88 1.92 -12.02 -1.07
CA PHE A 88 1.01 -11.43 -0.07
C PHE A 88 0.49 -12.49 0.90
N LEU A 89 -0.01 -13.58 0.34
CA LEU A 89 -0.51 -14.68 1.17
C LEU A 89 0.57 -15.22 2.10
N ALA A 90 1.78 -15.42 1.58
CA ALA A 90 2.84 -15.99 2.43
C ALA A 90 3.16 -15.04 3.57
N CYS A 91 3.15 -13.74 3.29
CA CYS A 91 3.43 -12.75 4.33
C CYS A 91 2.34 -12.77 5.37
N HIS A 92 1.08 -12.86 4.92
CA HIS A 92 -0.03 -12.96 5.87
C HIS A 92 0.13 -14.22 6.75
N LEU A 93 0.42 -15.36 6.12
CA LEU A 93 0.55 -16.60 6.86
C LEU A 93 1.70 -16.54 7.85
N ALA A 94 2.78 -15.82 7.52
CA ALA A 94 3.88 -15.64 8.46
C ALA A 94 3.49 -14.81 9.68
N MET A 95 2.60 -13.82 9.50
CA MET A 95 2.09 -13.04 10.64
C MET A 95 1.32 -13.93 11.60
N TRP A 96 0.52 -14.84 11.06
CA TRP A 96 -0.22 -15.79 11.91
C TRP A 96 0.71 -16.52 12.88
N LYS A 97 1.86 -16.96 12.38
CA LYS A 97 2.87 -17.60 13.21
C LYS A 97 3.52 -16.66 14.19
N LYS A 98 3.54 -15.37 13.88
CA LYS A 98 4.11 -14.36 14.76
C LYS A 98 3.13 -13.89 15.84
N LEU A 99 1.86 -14.23 15.69
CA LEU A 99 0.80 -13.58 16.47
C LEU A 99 1.03 -13.74 17.95
N ALA A 100 1.55 -14.90 18.38
CA ALA A 100 1.76 -15.12 19.80
C ALA A 100 2.79 -14.14 20.38
N GLU A 101 3.77 -13.71 19.56
CA GLU A 101 4.82 -12.78 19.98
C GLU A 101 4.39 -11.31 20.01
N TRP A 102 3.36 -10.92 19.23
CA TRP A 102 2.90 -9.54 19.21
C TRP A 102 2.18 -9.20 20.52
N PRO A 103 2.26 -7.93 20.98
CA PRO A 103 1.62 -7.59 22.27
C PRO A 103 0.12 -7.78 22.32
N LYS A 104 -0.35 -8.17 23.51
CA LYS A 104 -1.78 -8.38 23.73
C LYS A 104 -2.49 -7.03 23.74
N THR A 105 -3.79 -7.07 23.48
CA THR A 105 -4.60 -5.88 23.56
C THR A 105 -4.72 -5.44 25.02
N MET A 106 -5.34 -4.27 25.24
CA MET A 106 -5.55 -3.80 26.61
C MET A 106 -6.53 -4.66 27.40
N THR A 107 -7.17 -5.66 26.79
CA THR A 107 -8.00 -6.61 27.54
C THR A 107 -7.36 -7.97 27.65
N GLY A 108 -6.10 -8.12 27.21
CA GLY A 108 -5.43 -9.39 27.31
C GLY A 108 -5.65 -10.34 26.16
N LEU A 109 -6.22 -9.87 25.06
CA LEU A 109 -6.48 -10.76 23.93
C LEU A 109 -5.33 -10.70 22.94
N PRO A 110 -5.23 -11.68 22.02
CA PRO A 110 -4.21 -11.61 20.97
C PRO A 110 -4.30 -10.31 20.15
N SER A 111 -3.15 -9.88 19.64
CA SER A 111 -3.07 -8.62 18.89
C SER A 111 -4.07 -8.62 17.75
N THR A 112 -4.76 -7.47 17.57
CA THR A 112 -5.66 -7.36 16.41
C THR A 112 -4.98 -6.66 15.24
N SER A 113 -3.65 -6.54 15.27
CA SER A 113 -2.99 -5.69 14.27
C SER A 113 -3.19 -6.20 12.85
N GLY A 114 -3.40 -5.29 11.90
CA GLY A 114 -3.39 -5.65 10.49
C GLY A 114 -2.98 -4.44 9.68
N THR A 115 -2.89 -4.60 8.36
CA THR A 115 -2.42 -3.44 7.58
C THR A 115 -2.96 -3.51 6.15
N THR A 116 -3.31 -2.35 5.57
CA THR A 116 -3.41 -2.40 4.10
C THR A 116 -2.01 -2.59 3.52
N ALA A 117 -1.93 -2.91 2.23
CA ALA A 117 -0.62 -2.98 1.56
C ALA A 117 -0.84 -2.75 0.08
N SER A 118 -0.19 -1.73 -0.46
CA SER A 118 -0.23 -1.40 -1.87
C SER A 118 1.19 -1.41 -2.36
N VAL A 119 1.43 -2.12 -3.46
CA VAL A 119 2.77 -2.40 -3.92
C VAL A 119 2.81 -2.03 -5.41
N VAL A 120 3.89 -1.38 -5.83
CA VAL A 120 4.16 -1.16 -7.24
C VAL A 120 5.54 -1.78 -7.48
N ILE A 121 5.66 -2.59 -8.54
CA ILE A 121 6.95 -3.21 -8.91
C ILE A 121 7.23 -2.87 -10.36
N ILE A 122 8.36 -2.20 -10.61
CA ILE A 122 8.74 -1.79 -11.96
C ILE A 122 9.88 -2.70 -12.42
N ARG A 123 9.69 -3.35 -13.54
CA ARG A 123 10.73 -4.17 -14.17
C ARG A 123 10.68 -3.87 -15.65
N GLY A 124 11.79 -3.37 -16.22
CA GLY A 124 11.77 -3.12 -17.65
C GLY A 124 10.74 -2.05 -17.91
N MET A 125 9.88 -2.26 -18.91
CA MET A 125 8.83 -1.31 -19.26
C MET A 125 7.49 -1.66 -18.60
N LYS A 126 7.46 -2.61 -17.66
CA LYS A 126 6.23 -3.09 -17.06
C LYS A 126 6.13 -2.62 -15.62
N MET A 127 4.92 -2.26 -15.24
CA MET A 127 4.59 -1.85 -13.88
C MET A 127 3.49 -2.77 -13.38
N TYR A 128 3.80 -3.54 -12.34
CA TYR A 128 2.87 -4.44 -11.66
C TYR A 128 2.36 -3.72 -10.45
N VAL A 129 1.06 -3.82 -10.21
CA VAL A 129 0.41 -3.13 -9.07
C VAL A 129 -0.38 -4.20 -8.35
N ALA A 130 -0.18 -4.31 -7.04
CA ALA A 130 -0.94 -5.26 -6.23
C ALA A 130 -1.39 -4.58 -4.96
N HIS A 131 -2.64 -4.83 -4.54
CA HIS A 131 -3.02 -4.19 -3.29
C HIS A 131 -4.08 -4.97 -2.53
N VAL A 132 -4.07 -4.76 -1.21
CA VAL A 132 -5.22 -5.07 -0.34
C VAL A 132 -5.55 -3.83 0.47
N GLY A 133 -6.81 -3.37 0.39
CA GLY A 133 -7.25 -2.31 1.25
C GLY A 133 -7.56 -1.02 0.50
N ASP A 134 -7.22 0.12 1.10
CA ASP A 134 -7.62 1.39 0.49
C ASP A 134 -6.47 2.41 0.44
N SER A 135 -5.22 1.94 0.31
CA SER A 135 -4.07 2.83 0.10
C SER A 135 -3.83 2.98 -1.41
N GLY A 136 -4.59 3.85 -2.04
CA GLY A 136 -4.70 3.80 -3.49
C GLY A 136 -3.42 4.16 -4.24
N VAL A 137 -3.44 3.77 -5.50
CA VAL A 137 -2.33 4.03 -6.45
C VAL A 137 -2.89 4.79 -7.65
N VAL A 138 -2.25 5.87 -8.01
CA VAL A 138 -2.77 6.79 -9.04
C VAL A 138 -1.67 7.05 -10.04
N LEU A 139 -2.01 6.98 -11.32
CA LEU A 139 -1.04 7.32 -12.37
C LEU A 139 -1.35 8.71 -12.92
N GLY A 140 -0.32 9.40 -13.42
CA GLY A 140 -0.58 10.61 -14.23
C GLY A 140 -0.07 10.38 -15.65
N ILE A 141 -0.89 10.64 -16.65
CA ILE A 141 -0.56 10.38 -18.05
C ILE A 141 -0.75 11.69 -18.80
N GLN A 142 0.23 12.04 -19.63
CA GLN A 142 0.16 13.21 -20.49
C GLN A 142 -0.16 12.72 -21.90
N ASP A 143 -1.31 13.13 -22.43
CA ASP A 143 -1.77 12.64 -23.75
C ASP A 143 -1.30 13.56 -24.88
N LYS A 146 1.89 15.77 -26.91
CA LYS A 146 2.20 16.62 -25.77
C LYS A 146 0.90 17.01 -25.04
N ASP A 147 1.07 17.82 -23.99
CA ASP A 147 -0.02 18.39 -23.20
C ASP A 147 0.62 19.27 -22.13
N ASP A 148 -0.06 20.34 -21.69
CA ASP A 148 0.31 21.02 -20.46
C ASP A 148 -0.58 20.57 -19.28
N PHE A 149 -1.38 19.53 -19.48
CA PHE A 149 -2.24 18.98 -18.45
C PHE A 149 -1.93 17.50 -18.32
N VAL A 150 -1.64 17.06 -17.10
CA VAL A 150 -1.44 15.63 -16.83
C VAL A 150 -2.71 15.12 -16.15
N ARG A 151 -3.24 14.02 -16.67
CA ARG A 151 -4.54 13.46 -16.29
C ARG A 151 -4.33 12.35 -15.26
N ALA A 152 -5.15 12.34 -14.21
CA ALA A 152 -5.02 11.26 -13.22
C ALA A 152 -5.79 10.02 -13.66
N VAL A 153 -5.21 8.83 -13.37
CA VAL A 153 -5.93 7.57 -13.59
C VAL A 153 -5.84 6.77 -12.30
N GLU A 154 -6.98 6.36 -11.75
CA GLU A 154 -6.93 5.53 -10.54
C GLU A 154 -6.80 4.06 -10.95
N VAL A 155 -5.71 3.40 -10.56
CA VAL A 155 -5.49 2.03 -11.06
C VAL A 155 -5.76 0.96 -10.01
N THR A 156 -6.17 1.36 -8.79
CA THR A 156 -6.62 0.43 -7.77
C THR A 156 -8.03 0.82 -7.35
N GLN A 157 -8.82 -0.16 -6.94
CA GLN A 157 -10.14 0.13 -6.38
C GLN A 157 -10.07 -0.16 -4.88
N ASP A 158 -10.59 0.77 -4.03
CA ASP A 158 -10.52 0.54 -2.58
C ASP A 158 -11.37 -0.67 -2.20
N HIS A 159 -10.82 -1.55 -1.34
CA HIS A 159 -11.57 -2.72 -0.90
C HIS A 159 -12.44 -2.32 0.27
N LYS A 160 -13.53 -1.66 -0.05
CA LYS A 160 -14.45 -1.25 1.02
C LYS A 160 -15.42 -2.41 1.29
N PRO A 161 -15.92 -2.54 2.54
CA PRO A 161 -16.80 -3.70 2.87
C PRO A 161 -18.06 -3.72 2.04
N GLU A 162 -18.57 -2.55 1.64
CA GLU A 162 -19.81 -2.55 0.86
C GLU A 162 -19.59 -2.74 -0.63
N LEU A 163 -18.35 -2.79 -1.09
CA LEU A 163 -18.11 -3.20 -2.47
C LEU A 163 -18.79 -4.56 -2.72
N PRO A 164 -19.54 -4.72 -3.84
CA PRO A 164 -20.39 -5.91 -3.94
C PRO A 164 -19.63 -7.23 -3.87
N LYS A 165 -18.51 -7.39 -4.60
CA LYS A 165 -17.72 -8.61 -4.51
C LYS A 165 -17.30 -8.89 -3.08
N GLU A 166 -16.99 -7.85 -2.30
CA GLU A 166 -16.49 -8.05 -0.95
C GLU A 166 -17.62 -8.42 -0.01
N ARG A 167 -18.72 -7.67 -0.05
CA ARG A 167 -19.86 -8.02 0.80
C ARG A 167 -20.35 -9.45 0.52
N GLU A 168 -20.35 -9.88 -0.73
CA GLU A 168 -20.77 -11.26 -1.03
C GLU A 168 -19.90 -12.28 -0.31
N ARG A 169 -18.59 -12.05 -0.34
CA ARG A 169 -17.61 -12.94 0.29
C ARG A 169 -17.80 -12.94 1.80
N ILE A 170 -17.99 -11.74 2.39
CA ILE A 170 -18.16 -11.61 3.83
C ILE A 170 -19.45 -12.27 4.28
N GLU A 171 -20.57 -11.98 3.60
CA GLU A 171 -21.84 -12.60 4.00
C GLU A 171 -21.81 -14.12 3.80
N GLY A 172 -21.10 -14.61 2.79
CA GLY A 172 -20.99 -16.05 2.57
C GLY A 172 -20.27 -16.79 3.68
N LEU A 173 -19.38 -16.11 4.43
CA LEU A 173 -18.70 -16.72 5.55
C LEU A 173 -19.46 -16.56 6.85
N GLY A 174 -20.61 -15.90 6.80
CA GLY A 174 -21.41 -15.68 7.99
C GLY A 174 -21.28 -14.33 8.64
N GLY A 175 -20.54 -13.39 8.05
CA GLY A 175 -20.40 -12.06 8.60
C GLY A 175 -21.44 -11.13 8.00
N SER A 176 -21.34 -9.86 8.35
CA SER A 176 -22.27 -8.89 7.77
C SER A 176 -21.52 -7.56 7.56
N VAL A 177 -22.10 -6.69 6.74
CA VAL A 177 -21.56 -5.35 6.54
C VAL A 177 -22.62 -4.40 7.06
N MET A 178 -22.24 -3.52 7.99
CA MET A 178 -23.22 -2.67 8.65
C MET A 178 -22.74 -1.23 8.67
N ASN A 179 -23.67 -0.32 8.47
CA ASN A 179 -23.35 1.10 8.61
C ASN A 179 -23.31 1.42 10.10
N LYS A 180 -22.11 1.69 10.62
CA LYS A 180 -21.91 2.10 12.03
C LYS A 180 -21.43 3.55 12.02
N SER A 181 -22.31 4.48 12.43
CA SER A 181 -22.00 5.91 12.51
C SER A 181 -21.55 6.46 11.15
N GLY A 182 -22.32 6.13 10.11
CA GLY A 182 -22.06 6.62 8.79
C GLY A 182 -20.99 5.90 8.00
N VAL A 183 -20.24 4.97 8.61
CA VAL A 183 -19.19 4.23 7.90
C VAL A 183 -19.59 2.76 7.85
N ASN A 184 -19.50 2.16 6.65
CA ASN A 184 -19.77 0.73 6.51
C ASN A 184 -18.61 -0.07 7.10
N ARG A 185 -18.93 -1.08 7.90
CA ARG A 185 -17.88 -1.82 8.59
C ARG A 185 -18.17 -3.30 8.51
N VAL A 186 -17.09 -4.07 8.47
CA VAL A 186 -17.19 -5.53 8.58
C VAL A 186 -17.62 -5.87 10.01
N VAL A 187 -18.62 -6.74 10.15
CA VAL A 187 -19.09 -7.19 11.45
C VAL A 187 -18.91 -8.71 11.49
N TRP A 188 -18.05 -9.17 12.40
CA TRP A 188 -17.73 -10.58 12.60
C TRP A 188 -17.90 -10.91 14.07
N LYS A 189 -18.68 -11.95 14.38
CA LYS A 189 -19.01 -12.29 15.77
C LYS A 189 -18.60 -13.69 16.18
N ARG A 190 -17.67 -14.32 15.45
CA ARG A 190 -17.18 -15.67 15.78
C ARG A 190 -15.84 -15.54 16.50
N PRO A 191 -15.78 -15.83 17.80
CA PRO A 191 -14.55 -15.54 18.55
C PRO A 191 -13.49 -16.63 18.41
N ALA A 192 -12.24 -16.22 18.60
CA ALA A 192 -11.07 -17.10 18.67
C ALA A 192 -10.97 -17.65 20.08
N LEU A 193 -11.31 -18.92 20.25
CA LEU A 193 -11.38 -19.59 21.54
C LEU A 193 -10.25 -20.59 21.70
N THR A 194 -9.67 -20.62 22.91
CA THR A 194 -8.55 -21.48 23.25
C THR A 194 -8.87 -22.34 24.48
N HIS A 195 -7.96 -23.27 24.80
CA HIS A 195 -8.08 -24.09 26.00
C HIS A 195 -7.55 -23.38 27.24
N ASN A 196 -6.46 -22.62 27.09
CA ASN A 196 -5.72 -22.02 28.20
C ASN A 196 -6.04 -20.55 28.41
N GLY A 197 -6.75 -19.90 27.48
CA GLY A 197 -7.13 -18.51 27.61
C GLY A 197 -8.13 -18.28 28.73
N PRO A 198 -7.94 -17.23 29.47
CA PRO A 198 -8.86 -16.97 30.57
C PRO A 198 -10.16 -16.27 30.13
N VAL A 199 -10.05 -15.32 29.19
CA VAL A 199 -11.10 -14.31 29.02
C VAL A 199 -12.40 -14.98 28.57
N ALA A 200 -13.51 -14.41 29.03
CA ALA A 200 -14.85 -14.92 28.73
C ALA A 200 -15.14 -14.81 27.23
N ALA A 201 -15.77 -15.85 26.69
CA ALA A 201 -16.07 -15.89 25.25
C ALA A 201 -16.94 -14.71 24.84
N SER A 202 -18.02 -14.46 25.59
CA SER A 202 -18.85 -13.30 25.31
C SER A 202 -18.04 -12.00 25.34
N THR A 203 -16.97 -11.94 26.15
CA THR A 203 -16.13 -10.74 26.16
C THR A 203 -15.15 -10.70 24.99
N VAL A 204 -14.70 -11.86 24.52
CA VAL A 204 -13.96 -11.93 23.26
C VAL A 204 -14.81 -11.36 22.12
N ILE A 205 -16.06 -11.83 22.00
CA ILE A 205 -16.95 -11.40 20.93
C ILE A 205 -17.05 -9.87 20.87
N ASP A 206 -17.36 -9.22 22.00
CA ASP A 206 -17.44 -7.76 22.08
C ASP A 206 -16.15 -7.06 21.71
N GLN A 207 -15.00 -7.72 21.86
CA GLN A 207 -13.71 -7.13 21.53
C GLN A 207 -13.29 -7.32 20.06
N ILE A 208 -14.09 -8.03 19.26
CA ILE A 208 -13.72 -8.16 17.85
C ILE A 208 -13.81 -6.80 17.17
N PRO A 209 -12.79 -6.36 16.42
CA PRO A 209 -12.85 -5.05 15.72
C PRO A 209 -13.95 -5.00 14.67
N PHE A 210 -14.35 -3.75 14.34
CA PHE A 210 -15.27 -3.41 13.24
C PHE A 210 -14.43 -2.69 12.19
N LEU A 211 -13.92 -3.44 11.22
CA LEU A 211 -12.97 -2.88 10.27
C LEU A 211 -13.65 -2.14 9.12
N ALA A 212 -13.02 -1.06 8.67
CA ALA A 212 -13.49 -0.26 7.54
C ALA A 212 -12.88 -0.68 6.19
N VAL A 213 -11.98 -1.67 6.16
CA VAL A 213 -11.55 -2.28 4.91
C VAL A 213 -11.96 -3.75 4.93
N ALA A 214 -12.12 -4.34 3.75
CA ALA A 214 -12.48 -5.77 3.65
C ALA A 214 -11.32 -6.66 3.28
N ARG A 215 -10.16 -6.09 2.96
CA ARG A 215 -8.98 -6.87 2.66
C ARG A 215 -7.83 -6.20 3.39
N ALA A 216 -6.91 -7.02 3.89
CA ALA A 216 -5.76 -6.54 4.65
C ALA A 216 -4.82 -7.73 4.85
N LEU A 217 -3.60 -7.43 5.30
CA LEU A 217 -2.66 -8.44 5.78
C LEU A 217 -2.76 -8.45 7.30
N GLY A 218 -2.80 -9.63 7.92
CA GLY A 218 -2.99 -9.60 9.36
C GLY A 218 -4.44 -9.70 9.78
N ASP A 219 -4.85 -8.98 10.84
CA ASP A 219 -6.23 -9.02 11.32
C ASP A 219 -6.63 -10.48 11.53
N LEU A 220 -5.79 -11.21 12.27
CA LEU A 220 -5.99 -12.66 12.30
C LEU A 220 -7.20 -13.08 13.10
N TRP A 221 -7.85 -12.13 13.80
CA TRP A 221 -9.14 -12.36 14.45
C TRP A 221 -10.24 -12.68 13.47
N SER A 222 -10.04 -12.41 12.18
CA SER A 222 -11.07 -12.61 11.19
C SER A 222 -11.09 -14.04 10.66
N TYR A 223 -10.16 -14.89 11.12
CA TYR A 223 -10.15 -16.28 10.70
C TYR A 223 -11.48 -16.91 11.03
N ASP A 224 -12.03 -17.66 10.06
CA ASP A 224 -13.31 -18.35 10.25
C ASP A 224 -12.99 -19.83 10.52
N PHE A 225 -13.26 -20.31 11.75
CA PHE A 225 -12.91 -21.70 12.10
C PHE A 225 -13.72 -22.69 11.27
N PHE A 226 -14.91 -22.29 10.84
CA PHE A 226 -15.76 -23.24 10.11
C PHE A 226 -15.22 -23.54 8.73
N SER A 227 -14.84 -22.49 7.97
CA SER A 227 -14.40 -22.65 6.60
C SER A 227 -12.89 -22.66 6.43
N GLY A 228 -12.14 -22.12 7.41
CA GLY A 228 -10.73 -21.92 7.20
C GLY A 228 -10.37 -20.69 6.40
N GLU A 229 -11.34 -19.87 6.05
CA GLU A 229 -11.01 -18.66 5.32
C GLU A 229 -10.88 -17.49 6.27
N PHE A 230 -10.24 -16.41 5.81
CA PHE A 230 -10.23 -15.18 6.58
C PHE A 230 -11.29 -14.25 6.02
N VAL A 231 -12.12 -13.70 6.91
CA VAL A 231 -13.18 -12.80 6.48
C VAL A 231 -12.57 -11.53 5.91
N VAL A 232 -11.48 -11.07 6.52
CA VAL A 232 -10.72 -9.96 5.95
C VAL A 232 -9.60 -10.58 5.13
N SER A 233 -9.75 -10.51 3.85
CA SER A 233 -8.98 -11.36 2.93
C SER A 233 -7.59 -10.76 2.64
N PRO A 234 -6.54 -11.56 2.71
CA PRO A 234 -5.18 -11.12 2.31
C PRO A 234 -4.87 -11.29 0.82
N GLU A 235 -5.82 -11.67 0.00
CA GLU A 235 -5.57 -11.83 -1.44
C GLU A 235 -5.67 -10.48 -2.17
N PRO A 236 -4.59 -10.03 -2.83
CA PRO A 236 -4.62 -8.72 -3.52
C PRO A 236 -5.26 -8.82 -4.89
N ASP A 237 -5.73 -7.67 -5.36
CA ASP A 237 -6.03 -7.43 -6.75
C ASP A 237 -4.69 -7.14 -7.40
N THR A 238 -4.50 -7.65 -8.62
CA THR A 238 -3.26 -7.38 -9.35
C THR A 238 -3.55 -6.80 -10.73
N SER A 239 -2.66 -5.95 -11.21
CA SER A 239 -2.77 -5.46 -12.59
C SER A 239 -1.37 -5.24 -13.17
N VAL A 240 -1.29 -5.22 -14.51
CA VAL A 240 -0.01 -4.95 -15.19
C VAL A 240 -0.24 -3.87 -16.23
N HIS A 241 0.74 -2.97 -16.36
CA HIS A 241 0.64 -1.81 -17.23
C HIS A 241 1.97 -1.71 -17.95
N THR A 242 1.95 -1.32 -19.22
CA THR A 242 3.19 -1.01 -19.92
C THR A 242 3.51 0.46 -19.79
N LEU A 243 4.67 0.78 -19.22
CA LEU A 243 5.11 2.15 -19.04
C LEU A 243 5.57 2.73 -20.37
N ASP A 244 5.08 3.92 -20.69
CA ASP A 244 5.47 4.61 -21.91
C ASP A 244 6.05 5.94 -21.48
N PRO A 245 7.37 6.07 -21.43
CA PRO A 245 8.00 7.28 -20.88
C PRO A 245 7.64 8.52 -21.63
N GLN A 246 7.06 8.41 -22.81
CA GLN A 246 6.59 9.61 -23.47
C GLN A 246 5.25 10.09 -22.92
N LYS A 247 4.50 9.22 -22.23
CA LYS A 247 3.16 9.60 -21.79
C LYS A 247 2.94 9.47 -20.28
N HIS A 248 3.43 8.41 -19.66
CA HIS A 248 3.30 8.27 -18.21
C HIS A 248 4.28 9.25 -17.54
N LYS A 249 3.79 10.07 -16.61
CA LYS A 249 4.64 11.04 -15.93
C LYS A 249 4.77 10.80 -14.41
N TYR A 250 3.73 10.31 -13.75
CA TYR A 250 3.73 10.08 -12.31
C TYR A 250 3.10 8.74 -11.93
N ILE A 251 3.63 8.15 -10.86
CA ILE A 251 2.94 7.11 -10.10
C ILE A 251 2.92 7.63 -8.67
N ILE A 252 1.72 7.70 -8.07
CA ILE A 252 1.56 8.05 -6.65
C ILE A 252 0.99 6.84 -5.91
N LEU A 253 1.67 6.44 -4.83
CA LEU A 253 1.11 5.48 -3.90
C LEU A 253 0.81 6.28 -2.66
N GLY A 254 -0.34 6.08 -2.06
CA GLY A 254 -0.64 6.88 -0.88
C GLY A 254 -1.55 6.17 0.08
N SER A 255 -1.45 6.55 1.36
CA SER A 255 -2.46 6.06 2.29
C SER A 255 -3.72 6.94 2.22
N ASP A 256 -4.80 6.47 2.91
CA ASP A 256 -6.03 7.22 2.90
C ASP A 256 -5.91 8.53 3.67
N GLY A 257 -4.91 8.70 4.52
CA GLY A 257 -4.64 10.05 5.02
C GLY A 257 -4.45 11.07 3.90
N LEU A 258 -3.86 10.63 2.76
CA LEU A 258 -3.74 11.51 1.62
C LEU A 258 -5.03 11.57 0.83
N TRP A 259 -5.56 10.41 0.44
CA TRP A 259 -6.64 10.42 -0.55
C TRP A 259 -7.96 10.88 0.02
N ASN A 260 -8.16 10.75 1.34
CA ASN A 260 -9.40 11.28 1.91
C ASN A 260 -9.45 12.81 1.84
N MET A 261 -8.30 13.47 1.78
CA MET A 261 -8.28 14.93 1.62
C MET A 261 -8.02 15.41 0.19
N ILE A 262 -7.22 14.69 -0.57
CA ILE A 262 -6.75 15.12 -1.88
C ILE A 262 -7.18 14.12 -2.92
N PRO A 263 -8.17 14.48 -3.76
CA PRO A 263 -8.59 13.60 -4.86
C PRO A 263 -7.46 13.33 -5.84
N PRO A 264 -7.53 12.18 -6.55
CA PRO A 264 -6.50 11.86 -7.58
C PRO A 264 -6.13 12.99 -8.53
N GLN A 265 -7.08 13.62 -9.23
CA GLN A 265 -6.66 14.71 -10.14
C GLN A 265 -6.01 15.89 -9.42
N ASP A 266 -6.48 16.23 -8.20
CA ASP A 266 -5.87 17.31 -7.43
C ASP A 266 -4.42 16.94 -7.19
N ALA A 267 -4.22 15.70 -6.78
CA ALA A 267 -2.87 15.26 -6.40
C ALA A 267 -1.93 15.27 -7.61
N ILE A 268 -2.40 14.78 -8.75
CA ILE A 268 -1.56 14.72 -9.95
C ILE A 268 -1.27 16.15 -10.46
N SER A 269 -2.29 17.00 -10.46
CA SER A 269 -2.09 18.40 -10.85
C SER A 269 -1.16 19.14 -9.88
N MET A 270 -1.27 18.88 -8.58
CA MET A 270 -0.25 19.44 -7.67
C MET A 270 1.16 18.97 -7.98
N CYS A 271 1.34 17.69 -8.28
CA CYS A 271 2.69 17.22 -8.66
C CYS A 271 3.21 17.94 -9.90
N GLN A 272 2.34 18.16 -10.89
CA GLN A 272 2.76 18.86 -12.10
C GLN A 272 3.25 20.28 -11.76
N ASP A 273 2.57 20.95 -10.83
CA ASP A 273 2.98 22.29 -10.39
C ASP A 273 4.23 22.26 -9.53
N GLN A 274 4.36 21.29 -8.63
CA GLN A 274 5.54 21.23 -7.79
C GLN A 274 6.80 20.92 -8.59
N GLU A 275 6.69 20.15 -9.68
CA GLU A 275 7.88 19.78 -10.45
C GLU A 275 8.56 21.01 -11.04
N GLU A 276 7.77 21.97 -11.52
CA GLU A 276 8.34 23.25 -11.94
C GLU A 276 9.09 23.92 -10.78
N LYS A 277 8.41 24.07 -9.63
CA LYS A 277 9.02 24.78 -8.52
C LYS A 277 10.23 24.04 -7.97
N LYS A 278 10.18 22.71 -7.98
CA LYS A 278 11.22 21.92 -7.32
C LYS A 278 12.60 22.23 -7.89
N TYR A 279 12.70 22.54 -9.18
CA TYR A 279 14.00 22.88 -9.70
C TYR A 279 14.30 24.37 -9.63
N LEU A 280 13.43 25.18 -9.05
CA LEU A 280 13.78 26.57 -8.76
C LEU A 280 14.29 26.73 -7.33
N MET A 281 13.75 25.98 -6.36
CA MET A 281 14.30 26.01 -5.00
C MET A 281 15.52 25.12 -4.86
N GLY A 282 15.72 24.21 -5.82
CA GLY A 282 16.91 23.36 -5.81
C GLY A 282 16.82 22.32 -4.71
N GLU A 283 17.92 22.20 -3.95
CA GLU A 283 18.01 21.22 -2.86
C GLU A 283 16.99 21.45 -1.76
N HIS A 284 16.46 22.67 -1.65
CA HIS A 284 15.71 23.07 -0.45
C HIS A 284 14.22 23.25 -0.70
N GLY A 285 13.75 22.88 -1.89
CA GLY A 285 12.32 22.80 -2.10
C GLY A 285 11.77 21.47 -1.64
N GLN A 286 10.45 21.41 -1.48
CA GLN A 286 9.86 20.16 -1.00
C GLN A 286 9.76 19.19 -2.18
N SER A 287 10.02 17.90 -1.90
CA SER A 287 9.78 16.85 -2.89
C SER A 287 8.27 16.83 -3.18
N ALA A 289 6.44 14.29 -2.82
CA ALA A 289 5.76 13.48 -1.79
C ALA A 289 5.56 14.30 -0.55
N LYS A 290 6.59 15.05 -0.19
CA LYS A 290 6.46 15.88 1.00
C LYS A 290 5.41 16.96 0.79
N MET A 291 5.37 17.52 -0.42
CA MET A 291 4.35 18.50 -0.75
C MET A 291 2.95 17.91 -0.61
N LEU A 292 2.75 16.69 -1.11
CA LEU A 292 1.41 16.08 -1.05
C LEU A 292 0.96 15.86 0.38
N VAL A 293 1.85 15.29 1.21
CA VAL A 293 1.51 15.05 2.62
C VAL A 293 1.15 16.36 3.30
N ASN A 294 2.02 17.36 3.19
CA ASN A 294 1.71 18.65 3.85
C ASN A 294 0.41 19.28 3.34
N ARG A 295 0.15 19.21 2.04
CA ARG A 295 -1.12 19.68 1.47
C ARG A 295 -2.30 18.96 2.12
N ALA A 296 -2.22 17.63 2.23
CA ALA A 296 -3.31 16.92 2.89
C ALA A 296 -3.46 17.36 4.35
N LEU A 297 -2.34 17.44 5.08
CA LEU A 297 -2.44 17.87 6.48
C LEU A 297 -3.11 19.24 6.59
N GLY A 298 -2.80 20.15 5.64
CA GLY A 298 -3.47 21.45 5.63
C GLY A 298 -4.98 21.35 5.46
N ARG A 299 -5.44 20.39 4.65
CA ARG A 299 -6.86 20.22 4.42
C ARG A 299 -7.54 19.59 5.61
N TRP A 300 -6.88 18.61 6.25
CA TRP A 300 -7.41 18.05 7.50
C TRP A 300 -7.66 19.17 8.51
N ARG A 301 -6.67 20.06 8.66
CA ARG A 301 -6.80 21.12 9.66
C ARG A 301 -7.90 22.09 9.27
N GLN A 302 -7.95 22.44 7.98
CA GLN A 302 -8.95 23.38 7.49
C GLN A 302 -10.35 22.83 7.63
N ARG A 303 -10.51 21.52 7.63
CA ARG A 303 -11.81 20.89 7.84
C ARG A 303 -12.12 20.64 9.31
N MET A 304 -11.21 21.03 10.22
CA MET A 304 -11.41 20.82 11.65
C MET A 304 -11.55 19.34 12.01
N LEU A 305 -10.66 18.51 11.45
CA LEU A 305 -10.62 17.08 11.69
C LEU A 305 -9.25 16.66 12.19
N ARG A 306 -9.22 15.69 13.10
CA ARG A 306 -7.94 15.14 13.51
C ARG A 306 -7.28 14.49 12.28
N ALA A 307 -6.04 14.85 11.98
CA ALA A 307 -5.41 14.30 10.77
C ALA A 307 -5.06 12.83 11.00
N ASP A 308 -5.38 12.00 10.00
CA ASP A 308 -4.90 10.60 10.03
C ASP A 308 -3.39 10.60 9.75
N ASN A 309 -2.72 9.51 10.09
CA ASN A 309 -1.41 9.20 9.49
C ASN A 309 -1.51 9.43 7.99
N THR A 310 -0.55 10.14 7.39
CA THR A 310 -0.63 10.49 5.97
C THR A 310 0.72 10.17 5.31
N SER A 311 0.68 9.40 4.20
CA SER A 311 1.93 8.95 3.59
C SER A 311 1.82 8.99 2.06
N ALA A 312 2.95 9.27 1.40
CA ALA A 312 2.94 9.23 -0.07
C ALA A 312 4.32 8.88 -0.61
N ILE A 313 4.30 8.19 -1.75
CA ILE A 313 5.49 7.93 -2.56
C ILE A 313 5.18 8.47 -3.92
N VAL A 314 6.03 9.35 -4.46
CA VAL A 314 5.80 9.87 -5.79
C VAL A 314 6.96 9.47 -6.67
N ILE A 315 6.61 8.84 -7.79
CA ILE A 315 7.57 8.40 -8.79
C ILE A 315 7.37 9.23 -10.02
N CYS A 316 8.40 10.00 -10.38
CA CYS A 316 8.38 10.80 -11.60
C CYS A 316 9.11 10.04 -12.70
N ILE A 317 8.47 9.88 -13.86
CA ILE A 317 9.00 9.12 -14.98
C ILE A 317 9.46 10.10 -16.04
N SER A 318 10.68 9.90 -16.55
CA SER A 318 11.26 10.81 -17.53
C SER A 318 11.81 9.99 -18.69
N PRO A 319 11.59 10.44 -19.92
CA PRO A 319 12.23 9.76 -21.06
C PRO A 319 13.72 10.06 -21.18
N GLU A 320 14.25 11.04 -20.46
CA GLU A 320 15.69 11.33 -20.51
C GLU A 320 16.45 10.35 -19.63
N VAL A 321 17.75 10.21 -19.88
CA VAL A 321 18.54 9.43 -18.94
C VAL A 321 19.78 10.21 -18.53
N ASP A 322 19.57 11.47 -18.14
CA ASP A 322 20.67 12.35 -17.81
C ASP A 322 20.31 13.18 -16.58
N ASN A 323 20.89 12.80 -15.44
CA ASN A 323 20.69 13.45 -14.15
C ASN A 323 20.85 14.97 -14.21
N THR A 328 18.12 18.63 -8.73
CA THR A 328 19.14 18.71 -7.69
C THR A 328 18.56 18.56 -6.28
N ASN A 329 17.34 18.04 -6.21
CA ASN A 329 16.66 17.95 -4.93
C ASN A 329 17.26 16.85 -4.08
N GLU A 330 17.74 17.22 -2.89
CA GLU A 330 18.38 16.27 -1.99
C GLU A 330 17.44 15.20 -1.45
N ASP A 331 16.12 15.43 -1.50
CA ASP A 331 15.13 14.48 -1.00
C ASP A 331 14.48 13.69 -2.13
N GLU A 332 15.18 13.53 -3.26
CA GLU A 332 14.71 12.73 -4.37
C GLU A 332 15.78 11.72 -4.77
N LEU A 333 15.39 10.46 -4.97
CA LEU A 333 16.27 9.42 -5.47
C LEU A 333 16.19 9.33 -6.99
N TYR A 334 17.33 9.49 -7.67
CA TYR A 334 17.37 9.28 -9.12
C TYR A 334 17.69 7.82 -9.42
N LEU A 335 16.91 7.21 -10.32
CA LEU A 335 17.09 5.82 -10.71
C LEU A 335 17.09 5.66 -12.22
N ASN A 336 18.12 4.99 -12.71
CA ASN A 336 18.13 4.45 -14.07
C ASN A 336 18.25 2.93 -13.95
N LEU A 337 17.15 2.19 -14.23
CA LEU A 337 17.12 0.79 -13.81
C LEU A 337 18.08 -0.07 -14.63
N THR A 338 18.33 0.31 -15.90
CA THR A 338 19.29 -0.43 -16.73
C THR A 338 20.74 -0.19 -16.29
N ASP A 339 20.99 0.52 -15.18
CA ASP A 339 22.34 0.78 -14.69
C ASP A 339 22.59 0.09 -13.36
N SER A 340 21.79 -0.91 -13.02
CA SER A 340 21.88 -1.65 -11.77
C SER A 340 22.05 -0.81 -10.50
N PRO A 341 21.21 0.21 -10.27
CA PRO A 341 21.23 0.87 -8.96
C PRO A 341 20.85 -0.11 -7.84
N SER A 342 21.35 0.16 -6.65
CA SER A 342 20.93 -0.56 -5.45
C SER A 342 20.50 0.49 -4.45
N TYR A 343 19.37 0.26 -3.79
CA TYR A 343 18.89 1.21 -2.81
C TYR A 343 18.15 0.42 -1.77
N ASN A 344 18.51 0.65 -0.52
CA ASN A 344 17.96 -0.09 0.60
C ASN A 344 18.00 -1.61 0.36
N SER A 345 19.12 -2.08 -0.21
CA SER A 345 19.22 -3.50 -0.50
C SER A 345 20.65 -4.01 -0.28
#